data_9IL7
#
_entry.id   9IL7
#
_cell.length_a   35.621
_cell.length_b   51.076
_cell.length_c   129.792
_cell.angle_alpha   90
_cell.angle_beta   90.123
_cell.angle_gamma   90
#
_symmetry.space_group_name_H-M   'P 1 21 1'
#
loop_
_entity.id
_entity.type
_entity.pdbx_description
1 polymer beta-lactamase
2 non-polymer '(2~{R})-2-[(1~{R})-1-[[(2~{Z})-2-ethoxyimino-2-[5-(phosphonoamino)-1,2,4-thiadiazol-3-yl]ethanoyl]amino]-2-oxidanylidene-ethyl]-5-[[4-(1-methylpyridin-4-yl)-1,3-thiazol-2-yl]sulfanyl]-3,6-dihydro-2~{H}-1,3-thiazine-4-carboxylic acid'
3 non-polymer DI(HYDROXYETHYL)ETHER
4 non-polymer 'CHLORIDE ION'
5 non-polymer 'PHOSPHATE ION'
6 non-polymer 'TETRAETHYLENE GLYCOL'
7 non-polymer 'IODIDE ION'
8 non-polymer 'SODIUM ION'
9 water water
#
_entity_poly.entity_id   1
_entity_poly.type   'polypeptide(L)'
_entity_poly.pdbx_seq_one_letter_code
;MGNKSDAAAKQIKKLEEDFDGRIGVFAIDTGSGNTFGYRSDERFPLCSSFKGFLAAAVLERVQQKKLDINQKVKYESRDL
EYHSPITTKYKGSGMTLGDMASAALQYSDNGATNIIMERFLGGPEGMTKFMRSIGDNEFRLDRWALELNTAIPGDKRDTS
TPKAVANSLNKLALGNVLNAKVKAIYQNWLKGNTTGDARIRASVPADWVVGDKTGSCGAYGTANDYAVIWPKNRAPLIVS
IYTTRKSKDDKHSDKTIAEASRIAIQAIDHHHHHH
;
_entity_poly.pdbx_strand_id   A,B
#
loop_
_chem_comp.id
_chem_comp.type
_chem_comp.name
_chem_comp.formula
A1L2O non-polymer '(2~{R})-2-[(1~{R})-1-[[(2~{Z})-2-ethoxyimino-2-[5-(phosphonoamino)-1,2,4-thiadiazol-3-yl]ethanoyl]amino]-2-oxidanylidene-ethyl]-5-[[4-(1-methylpyridin-4-yl)-1,3-thiazol-2-yl]sulfanyl]-3,6-dihydro-2~{H}-1,3-thiazine-4-carboxylic acid' 'C22 H24 N8 O8 P S4 1'
CL non-polymer 'CHLORIDE ION' 'Cl -1'
IOD non-polymer 'IODIDE ION' 'I -1'
NA non-polymer 'SODIUM ION' 'Na 1'
PEG non-polymer DI(HYDROXYETHYL)ETHER 'C4 H10 O3'
PG4 non-polymer 'TETRAETHYLENE GLYCOL' 'C8 H18 O5'
PO4 non-polymer 'PHOSPHATE ION' 'O4 P -3'
#
# COMPACT_ATOMS: atom_id res chain seq x y z
N ASN A 3 7.88 -1.60 -27.02
CA ASN A 3 8.96 -2.08 -27.94
C ASN A 3 9.82 -3.14 -27.24
N LYS A 4 9.88 -3.11 -25.91
CA LYS A 4 10.66 -4.05 -25.11
C LYS A 4 9.72 -4.82 -24.17
N SER A 5 8.44 -4.40 -24.16
CA SER A 5 7.38 -5.06 -23.43
C SER A 5 6.57 -5.93 -24.39
N ASP A 6 6.68 -5.58 -25.68
CA ASP A 6 6.24 -6.45 -26.75
C ASP A 6 7.21 -7.62 -26.88
N ALA A 7 8.49 -7.37 -26.59
CA ALA A 7 9.51 -8.43 -26.64
C ALA A 7 9.18 -9.53 -25.64
N ALA A 8 9.02 -9.16 -24.36
CA ALA A 8 8.62 -10.07 -23.30
C ALA A 8 7.41 -10.93 -23.69
N ALA A 9 6.42 -10.34 -24.38
CA ALA A 9 5.24 -11.06 -24.84
C ALA A 9 5.65 -12.10 -25.87
N LYS A 10 6.64 -11.71 -26.69
CA LYS A 10 7.12 -12.54 -27.76
C LYS A 10 7.78 -13.80 -27.18
N GLN A 11 8.62 -13.63 -26.15
CA GLN A 11 9.29 -14.75 -25.48
C GLN A 11 8.24 -15.69 -24.86
N ILE A 12 7.13 -15.14 -24.37
CA ILE A 12 6.13 -15.97 -23.71
C ILE A 12 5.44 -16.81 -24.79
N LYS A 13 5.11 -16.14 -25.91
CA LYS A 13 4.57 -16.81 -27.09
C LYS A 13 5.40 -18.05 -27.50
N LYS A 14 6.72 -17.85 -27.63
CA LYS A 14 7.62 -18.89 -28.12
C LYS A 14 7.64 -20.05 -27.13
N LEU A 15 7.64 -19.72 -25.84
CA LEU A 15 7.62 -20.70 -24.76
C LEU A 15 6.32 -21.51 -24.80
N GLU A 16 5.20 -20.87 -25.14
CA GLU A 16 3.96 -21.63 -25.16
C GLU A 16 3.92 -22.53 -26.39
N GLU A 17 4.46 -21.99 -27.49
CA GLU A 17 4.56 -22.74 -28.72
C GLU A 17 5.55 -23.89 -28.54
N ASP A 18 6.66 -23.64 -27.84
CA ASP A 18 7.70 -24.63 -27.60
C ASP A 18 7.16 -25.88 -26.89
N PHE A 19 6.24 -25.70 -25.92
CA PHE A 19 5.74 -26.82 -25.14
C PHE A 19 4.29 -27.18 -25.53
N ASP A 20 3.76 -26.51 -26.56
CA ASP A 20 2.43 -26.82 -27.07
C ASP A 20 1.36 -26.73 -25.99
N GLY A 21 1.16 -25.52 -25.46
CA GLY A 21 0.15 -25.32 -24.43
C GLY A 21 -0.10 -23.83 -24.34
N ARG A 22 -0.46 -23.39 -23.16
CA ARG A 22 -0.90 -22.01 -22.97
C ARG A 22 -0.31 -21.47 -21.66
N ILE A 23 0.32 -20.30 -21.73
CA ILE A 23 0.93 -19.69 -20.56
C ILE A 23 0.25 -18.35 -20.25
N GLY A 24 -0.16 -18.18 -18.98
CA GLY A 24 -0.71 -16.92 -18.49
C GLY A 24 0.18 -16.30 -17.41
N VAL A 25 0.46 -15.01 -17.53
CA VAL A 25 1.38 -14.34 -16.62
C VAL A 25 0.76 -13.04 -16.17
N PHE A 26 0.92 -12.73 -14.88
CA PHE A 26 0.81 -11.36 -14.43
C PHE A 26 1.87 -11.07 -13.37
N ALA A 27 2.37 -9.84 -13.37
CA ALA A 27 3.46 -9.46 -12.48
C ALA A 27 3.33 -7.99 -12.14
N ILE A 28 3.61 -7.65 -10.87
CA ILE A 28 3.59 -6.27 -10.42
C ILE A 28 4.91 -6.01 -9.72
N ASP A 29 5.48 -4.83 -9.98
CA ASP A 29 6.53 -4.31 -9.15
C ASP A 29 5.88 -3.27 -8.24
N THR A 30 5.78 -3.50 -6.93
CA THR A 30 5.03 -2.62 -6.02
C THR A 30 5.78 -1.30 -5.78
N GLY A 31 7.09 -1.30 -6.11
CA GLY A 31 7.96 -0.17 -5.93
C GLY A 31 7.74 0.89 -7.00
N SER A 32 7.34 0.49 -8.20
CA SER A 32 7.17 1.42 -9.31
C SER A 32 5.75 1.36 -9.87
N GLY A 33 5.02 0.27 -9.62
CA GLY A 33 3.70 0.04 -10.18
C GLY A 33 3.72 -0.49 -11.62
N ASN A 34 4.91 -0.76 -12.19
CA ASN A 34 4.95 -1.39 -13.50
C ASN A 34 4.32 -2.78 -13.43
N THR A 35 3.57 -3.15 -14.49
CA THR A 35 2.94 -4.44 -14.54
C THR A 35 3.34 -5.12 -15.85
N PHE A 36 3.08 -6.43 -15.94
CA PHE A 36 3.28 -7.16 -17.17
C PHE A 36 2.26 -8.29 -17.19
N GLY A 37 1.57 -8.41 -18.33
CA GLY A 37 0.54 -9.43 -18.50
C GLY A 37 0.66 -10.16 -19.83
N TYR A 38 0.46 -11.47 -19.80
CA TYR A 38 0.24 -12.17 -21.05
C TYR A 38 -0.87 -13.19 -20.78
N ARG A 39 -1.97 -13.07 -21.52
CA ARG A 39 -3.15 -13.87 -21.25
C ARG A 39 -3.57 -13.69 -19.79
N SER A 40 -3.36 -12.48 -19.23
CA SER A 40 -3.57 -12.27 -17.80
C SER A 40 -5.06 -12.25 -17.43
N ASP A 41 -5.92 -12.14 -18.44
CA ASP A 41 -7.35 -12.10 -18.21
C ASP A 41 -8.02 -13.40 -18.68
N GLU A 42 -7.23 -14.41 -19.03
CA GLU A 42 -7.81 -15.69 -19.38
C GLU A 42 -7.90 -16.57 -18.14
N ARG A 43 -8.93 -17.42 -18.11
CA ARG A 43 -9.10 -18.41 -17.06
C ARG A 43 -8.11 -19.58 -17.23
N PHE A 44 -7.56 -20.01 -16.09
CA PHE A 44 -6.73 -21.20 -15.93
C PHE A 44 -7.23 -21.94 -14.68
N PRO A 45 -7.11 -23.30 -14.66
CA PRO A 45 -7.33 -24.07 -13.44
C PRO A 45 -6.42 -23.57 -12.31
N LEU A 46 -7.03 -23.50 -11.12
CA LEU A 46 -6.32 -23.11 -9.92
C LEU A 46 -5.44 -24.27 -9.47
N CYS A 47 -5.90 -25.53 -9.66
CA CYS A 47 -5.29 -26.65 -8.95
C CYS A 47 -5.16 -26.30 -7.46
N SER A 48 -4.02 -26.63 -6.85
CA SER A 48 -3.91 -26.54 -5.40
C SER A 48 -3.60 -25.11 -4.99
N SER A 49 -3.47 -24.22 -5.97
CA SER A 49 -2.97 -22.88 -5.71
C SER A 49 -3.97 -22.06 -4.87
N PHE A 50 -5.23 -22.49 -4.79
CA PHE A 50 -6.20 -21.77 -3.99
C PHE A 50 -5.89 -21.94 -2.49
N LYS A 51 -5.14 -22.99 -2.10
CA LYS A 51 -4.86 -23.25 -0.68
C LYS A 51 -4.10 -22.08 -0.05
N GLY A 52 -3.34 -21.33 -0.85
CA GLY A 52 -2.69 -20.13 -0.39
C GLY A 52 -3.70 -19.06 0.06
N PHE A 53 -4.89 -19.06 -0.54
CA PHE A 53 -5.89 -18.06 -0.20
C PHE A 53 -6.71 -18.60 0.97
N LEU A 54 -6.96 -19.91 0.92
CA LEU A 54 -7.61 -20.60 2.01
C LEU A 54 -6.84 -20.37 3.31
N ALA A 55 -5.53 -20.35 3.25
CA ALA A 55 -4.78 -20.09 4.45
C ALA A 55 -5.07 -18.68 4.97
N ALA A 56 -5.17 -17.74 4.03
CA ALA A 56 -5.44 -16.35 4.34
C ALA A 56 -6.80 -16.22 5.02
N ALA A 57 -7.79 -17.00 4.51
CA ALA A 57 -9.15 -16.98 5.02
C ALA A 57 -9.18 -17.43 6.47
N VAL A 58 -8.45 -18.50 6.78
CA VAL A 58 -8.39 -19.00 8.13
C VAL A 58 -7.82 -17.92 9.05
N LEU A 59 -6.72 -17.29 8.63
CA LEU A 59 -6.09 -16.28 9.46
C LEU A 59 -7.03 -15.09 9.62
N GLU A 60 -7.88 -14.82 8.62
CA GLU A 60 -8.84 -13.74 8.78
C GLU A 60 -9.87 -14.09 9.86
N ARG A 61 -10.37 -15.34 9.88
CA ARG A 61 -11.30 -15.67 10.94
C ARG A 61 -10.61 -15.73 12.32
N VAL A 62 -9.30 -16.02 12.36
CA VAL A 62 -8.54 -15.91 13.61
C VAL A 62 -8.58 -14.47 14.13
N GLN A 63 -8.26 -13.52 13.24
CA GLN A 63 -8.22 -12.10 13.52
C GLN A 63 -9.60 -11.61 13.99
N GLN A 64 -10.66 -12.20 13.42
CA GLN A 64 -12.00 -11.84 13.84
C GLN A 64 -12.38 -12.50 15.16
N LYS A 65 -11.46 -13.29 15.69
CA LYS A 65 -11.69 -14.06 16.91
C LYS A 65 -12.89 -14.98 16.70
N LYS A 66 -13.15 -15.39 15.46
CA LYS A 66 -14.11 -16.46 15.30
C LYS A 66 -13.49 -17.82 15.60
N LEU A 67 -12.16 -17.96 15.39
CA LEU A 67 -11.41 -19.18 15.63
C LEU A 67 -10.18 -18.79 16.44
N ASP A 68 -9.55 -19.76 17.11
CA ASP A 68 -8.33 -19.54 17.88
C ASP A 68 -7.22 -20.31 17.19
N ILE A 69 -6.04 -19.67 17.01
CA ILE A 69 -5.02 -20.29 16.18
C ILE A 69 -4.49 -21.56 16.81
N ASN A 70 -4.65 -21.71 18.13
CA ASN A 70 -4.14 -22.88 18.81
C ASN A 70 -5.25 -23.84 19.22
N GLN A 71 -6.47 -23.66 18.70
CA GLN A 71 -7.52 -24.61 19.02
C GLN A 71 -7.16 -25.95 18.38
N LYS A 72 -7.44 -27.02 19.13
CA LYS A 72 -7.13 -28.35 18.65
C LYS A 72 -8.23 -28.74 17.64
N VAL A 73 -7.80 -29.43 16.57
CA VAL A 73 -8.72 -29.91 15.57
C VAL A 73 -8.55 -31.43 15.46
N LYS A 74 -9.64 -32.16 15.71
CA LYS A 74 -9.57 -33.61 15.88
C LYS A 74 -10.28 -34.28 14.72
N TYR A 75 -9.71 -35.38 14.18
CA TYR A 75 -10.25 -36.04 13.01
C TYR A 75 -9.81 -37.52 12.95
N GLU A 76 -9.68 -38.17 14.12
CA GLU A 76 -9.48 -39.62 14.25
C GLU A 76 -10.40 -40.41 13.31
N SER A 77 -11.69 -40.03 13.27
CA SER A 77 -12.75 -40.72 12.57
C SER A 77 -12.53 -40.74 11.04
N ARG A 78 -11.75 -39.80 10.50
CA ARG A 78 -11.82 -39.48 9.09
C ARG A 78 -10.88 -40.35 8.24
N ASP A 79 -11.36 -40.77 7.06
CA ASP A 79 -10.49 -41.25 6.00
C ASP A 79 -9.85 -40.06 5.28
N LEU A 80 -8.51 -40.06 5.17
CA LEU A 80 -7.80 -38.91 4.62
C LEU A 80 -7.70 -38.96 3.09
N GLU A 81 -7.79 -37.78 2.47
CA GLU A 81 -7.61 -37.66 1.04
C GLU A 81 -6.22 -38.14 0.64
N TYR A 82 -6.06 -38.43 -0.65
CA TYR A 82 -4.73 -38.71 -1.17
C TYR A 82 -3.91 -37.45 -1.00
N HIS A 83 -2.62 -37.66 -0.71
CA HIS A 83 -1.64 -36.60 -0.49
C HIS A 83 -2.05 -35.73 0.71
N SER A 84 -1.99 -36.37 1.88
CA SER A 84 -2.23 -35.76 3.17
C SER A 84 -1.04 -36.01 4.09
N PRO A 85 0.20 -35.61 3.73
CA PRO A 85 1.39 -36.05 4.46
C PRO A 85 1.39 -35.61 5.91
N ILE A 86 0.84 -34.42 6.20
CA ILE A 86 0.99 -33.86 7.53
C ILE A 86 -0.15 -34.38 8.38
N THR A 87 -1.36 -34.33 7.82
CA THR A 87 -2.55 -34.78 8.53
C THR A 87 -2.46 -36.28 8.83
N THR A 88 -1.90 -37.09 7.93
CA THR A 88 -1.56 -38.49 8.22
C THR A 88 -0.66 -38.63 9.44
N LYS A 89 0.43 -37.85 9.52
CA LYS A 89 1.35 -37.97 10.65
C LYS A 89 0.78 -37.49 11.98
N TYR A 90 -0.23 -36.60 12.01
CA TYR A 90 -0.81 -36.10 13.26
C TYR A 90 -2.12 -36.79 13.62
N LYS A 91 -2.60 -37.71 12.77
CA LYS A 91 -3.97 -38.23 12.77
C LYS A 91 -4.42 -38.73 14.14
N GLY A 92 -3.52 -39.34 14.92
CA GLY A 92 -3.91 -39.84 16.23
C GLY A 92 -4.25 -38.73 17.21
N SER A 93 -3.59 -37.59 17.09
CA SER A 93 -3.64 -36.64 18.18
C SER A 93 -4.30 -35.31 17.80
N GLY A 94 -4.73 -35.14 16.54
CA GLY A 94 -5.26 -33.86 16.09
C GLY A 94 -4.16 -32.81 15.90
N MET A 95 -4.52 -31.61 15.40
CA MET A 95 -3.55 -30.56 15.16
C MET A 95 -4.13 -29.23 15.60
N THR A 96 -3.25 -28.24 15.80
CA THR A 96 -3.78 -26.91 15.99
C THR A 96 -4.34 -26.46 14.65
N LEU A 97 -5.35 -25.56 14.71
CA LEU A 97 -5.91 -24.92 13.54
C LEU A 97 -4.80 -24.29 12.68
N GLY A 98 -3.87 -23.60 13.34
CA GLY A 98 -2.79 -22.94 12.61
C GLY A 98 -1.85 -23.90 11.85
N ASP A 99 -1.51 -25.02 12.49
CA ASP A 99 -0.71 -26.06 11.86
C ASP A 99 -1.48 -26.74 10.73
N MET A 100 -2.78 -26.98 10.91
CA MET A 100 -3.49 -27.56 9.79
C MET A 100 -3.44 -26.59 8.61
N ALA A 101 -3.58 -25.29 8.89
CA ALA A 101 -3.68 -24.28 7.85
C ALA A 101 -2.33 -24.11 7.16
N SER A 102 -1.26 -24.10 7.95
CA SER A 102 0.05 -23.94 7.36
C SER A 102 0.38 -25.18 6.54
N ALA A 103 -0.12 -26.34 6.99
CA ALA A 103 0.20 -27.57 6.28
C ALA A 103 -0.47 -27.55 4.92
N ALA A 104 -1.72 -27.05 4.90
CA ALA A 104 -2.45 -26.99 3.64
C ALA A 104 -1.60 -26.18 2.68
N LEU A 105 -0.98 -25.10 3.20
CA LEU A 105 -0.21 -24.25 2.32
C LEU A 105 1.18 -24.84 1.99
N GLN A 106 1.95 -25.29 3.00
CA GLN A 106 3.37 -25.58 2.79
C GLN A 106 3.64 -26.95 2.17
N TYR A 107 2.67 -27.85 2.27
CA TYR A 107 2.91 -29.17 1.70
C TYR A 107 1.76 -29.54 0.76
N SER A 108 0.79 -28.62 0.58
CA SER A 108 -0.35 -28.84 -0.30
C SER A 108 -1.21 -29.99 0.20
N ASP A 109 -1.40 -30.09 1.52
CA ASP A 109 -2.06 -31.21 2.20
C ASP A 109 -3.56 -31.13 1.91
N ASN A 110 -4.07 -32.20 1.28
CA ASN A 110 -5.44 -32.27 0.79
C ASN A 110 -6.42 -32.46 1.95
N GLY A 111 -6.10 -33.32 2.91
CA GLY A 111 -7.03 -33.55 3.99
C GLY A 111 -7.21 -32.27 4.80
N ALA A 112 -6.10 -31.55 4.99
CA ALA A 112 -6.04 -30.30 5.75
C ALA A 112 -6.95 -29.28 5.08
N THR A 113 -6.77 -29.11 3.77
CA THR A 113 -7.63 -28.28 2.93
C THR A 113 -9.12 -28.62 3.14
N ASN A 114 -9.49 -29.90 2.92
CA ASN A 114 -10.89 -30.30 2.91
C ASN A 114 -11.47 -30.09 4.29
N ILE A 115 -10.68 -30.50 5.32
CA ILE A 115 -11.13 -30.41 6.70
C ILE A 115 -11.44 -28.94 7.03
N ILE A 116 -10.51 -28.05 6.69
CA ILE A 116 -10.71 -26.66 7.00
C ILE A 116 -11.95 -26.16 6.28
N MET A 117 -12.09 -26.45 4.96
CA MET A 117 -13.24 -25.97 4.21
C MET A 117 -14.55 -26.52 4.78
N GLU A 118 -14.52 -27.76 5.30
CA GLU A 118 -15.78 -28.31 5.73
C GLU A 118 -16.18 -27.81 7.13
N ARG A 119 -15.23 -27.42 7.96
CA ARG A 119 -15.64 -27.10 9.31
C ARG A 119 -15.68 -25.58 9.51
N PHE A 120 -14.87 -24.85 8.74
CA PHE A 120 -14.56 -23.49 9.14
C PHE A 120 -14.90 -22.44 8.09
N LEU A 121 -14.80 -22.79 6.79
CA LEU A 121 -14.91 -21.79 5.75
C LEU A 121 -16.20 -21.89 4.94
N GLY A 122 -17.07 -22.89 5.20
CA GLY A 122 -18.29 -23.10 4.44
C GLY A 122 -18.10 -23.59 3.00
N GLY A 123 -17.21 -24.55 2.79
CA GLY A 123 -17.23 -25.30 1.53
C GLY A 123 -16.66 -24.52 0.34
N PRO A 124 -16.74 -25.01 -0.92
CA PRO A 124 -16.29 -24.21 -2.05
C PRO A 124 -17.01 -22.87 -2.24
N GLU A 125 -18.28 -22.83 -1.81
CA GLU A 125 -19.09 -21.63 -1.90
C GLU A 125 -18.48 -20.58 -1.00
N GLY A 126 -18.21 -20.96 0.26
CA GLY A 126 -17.67 -20.05 1.28
C GLY A 126 -16.29 -19.52 0.88
N MET A 127 -15.49 -20.43 0.28
CA MET A 127 -14.15 -20.05 -0.14
C MET A 127 -14.23 -19.01 -1.28
N THR A 128 -15.10 -19.26 -2.25
CA THR A 128 -15.36 -18.25 -3.28
C THR A 128 -15.85 -16.92 -2.66
N LYS A 129 -16.77 -16.97 -1.69
CA LYS A 129 -17.34 -15.76 -1.11
C LYS A 129 -16.24 -14.99 -0.39
N PHE A 130 -15.29 -15.73 0.22
CA PHE A 130 -14.14 -15.10 0.87
C PHE A 130 -13.48 -14.16 -0.12
N MET A 131 -13.22 -14.66 -1.33
CA MET A 131 -12.49 -13.92 -2.37
C MET A 131 -13.32 -12.73 -2.89
N ARG A 132 -14.64 -12.90 -3.05
CA ARG A 132 -15.49 -11.73 -3.36
C ARG A 132 -15.29 -10.67 -2.29
N SER A 133 -15.09 -11.10 -1.03
CA SER A 133 -15.02 -10.13 0.05
C SER A 133 -13.75 -9.28 -0.02
N ILE A 134 -12.72 -9.73 -0.73
CA ILE A 134 -11.56 -8.84 -0.85
C ILE A 134 -11.58 -8.16 -2.22
N GLY A 135 -12.69 -8.29 -2.95
CA GLY A 135 -12.86 -7.63 -4.24
C GLY A 135 -12.25 -8.40 -5.43
N ASP A 136 -12.03 -9.71 -5.25
CA ASP A 136 -11.65 -10.60 -6.34
C ASP A 136 -12.91 -11.19 -7.00
N ASN A 137 -13.18 -10.74 -8.22
CA ASN A 137 -14.44 -11.06 -8.86
C ASN A 137 -14.29 -12.20 -9.86
N GLU A 138 -13.03 -12.60 -10.13
CA GLU A 138 -12.79 -13.64 -11.11
C GLU A 138 -12.90 -15.04 -10.50
N PHE A 139 -12.17 -15.25 -9.40
CA PHE A 139 -11.87 -16.54 -8.83
C PHE A 139 -13.16 -17.30 -8.59
N ARG A 140 -13.21 -18.59 -8.90
CA ARG A 140 -14.32 -19.42 -8.43
C ARG A 140 -13.76 -20.79 -8.07
N LEU A 141 -14.15 -21.27 -6.87
CA LEU A 141 -13.95 -22.66 -6.46
C LEU A 141 -15.30 -23.38 -6.44
N ASP A 142 -15.39 -24.52 -7.11
CA ASP A 142 -16.66 -25.23 -7.31
C ASP A 142 -16.63 -26.62 -6.71
N ARG A 143 -15.45 -27.22 -6.63
CA ARG A 143 -15.30 -28.59 -6.13
C ARG A 143 -14.40 -28.60 -4.88
N TRP A 144 -14.32 -29.79 -4.25
CA TRP A 144 -13.45 -30.07 -3.13
C TRP A 144 -12.11 -30.51 -3.68
N ALA A 145 -11.16 -30.73 -2.75
CA ALA A 145 -9.74 -30.66 -3.06
C ALA A 145 -9.36 -31.63 -4.17
N LEU A 146 -9.81 -32.87 -4.13
CA LEU A 146 -9.28 -33.75 -5.16
C LEU A 146 -10.07 -33.64 -6.48
N GLU A 147 -11.33 -33.22 -6.40
CA GLU A 147 -12.11 -33.25 -7.63
C GLU A 147 -11.84 -32.07 -8.57
N LEU A 148 -11.18 -31.03 -8.04
CA LEU A 148 -11.06 -29.77 -8.78
C LEU A 148 -9.82 -29.77 -9.68
N ASN A 149 -9.10 -30.91 -9.76
CA ASN A 149 -7.80 -31.03 -10.43
C ASN A 149 -7.91 -31.68 -11.81
N THR A 150 -9.13 -31.72 -12.37
CA THR A 150 -9.36 -32.42 -13.63
C THR A 150 -8.79 -31.65 -14.81
N ALA A 151 -8.77 -30.32 -14.73
CA ALA A 151 -8.08 -29.43 -15.67
C ALA A 151 -8.54 -29.61 -17.12
N ILE A 152 -9.85 -29.88 -17.35
CA ILE A 152 -10.39 -30.27 -18.65
C ILE A 152 -10.37 -29.03 -19.54
N PRO A 153 -9.78 -29.08 -20.76
CA PRO A 153 -9.77 -27.89 -21.65
C PRO A 153 -11.15 -27.25 -21.86
N GLY A 154 -11.17 -25.90 -21.85
CA GLY A 154 -12.39 -25.09 -21.93
C GLY A 154 -13.21 -24.96 -20.64
N ASP A 155 -13.03 -25.83 -19.62
CA ASP A 155 -13.85 -25.88 -18.42
C ASP A 155 -13.48 -24.74 -17.47
N LYS A 156 -14.50 -24.01 -16.97
CA LYS A 156 -14.31 -22.80 -16.18
C LYS A 156 -14.48 -23.06 -14.69
N ARG A 157 -14.94 -24.26 -14.32
CA ARG A 157 -15.05 -24.58 -12.90
C ARG A 157 -13.66 -24.57 -12.25
N ASP A 158 -13.58 -24.06 -11.00
CA ASP A 158 -12.34 -24.02 -10.23
C ASP A 158 -11.20 -23.29 -10.97
N THR A 159 -11.51 -22.10 -11.51
CA THR A 159 -10.47 -21.36 -12.19
C THR A 159 -10.42 -19.94 -11.65
N SER A 160 -9.33 -19.27 -12.03
CA SER A 160 -9.20 -17.84 -11.95
C SER A 160 -8.34 -17.37 -13.13
N THR A 161 -7.88 -16.13 -13.04
CA THR A 161 -7.05 -15.47 -14.02
C THR A 161 -5.75 -15.12 -13.31
N PRO A 162 -4.64 -15.10 -14.07
CA PRO A 162 -3.35 -14.68 -13.51
C PRO A 162 -3.40 -13.34 -12.78
N LYS A 163 -4.02 -12.34 -13.42
CA LYS A 163 -4.18 -11.00 -12.89
C LYS A 163 -4.92 -11.01 -11.55
N ALA A 164 -6.02 -11.78 -11.46
CA ALA A 164 -6.82 -11.80 -10.25
C ALA A 164 -6.08 -12.45 -9.10
N VAL A 165 -5.35 -13.53 -9.38
CA VAL A 165 -4.54 -14.19 -8.38
C VAL A 165 -3.46 -13.21 -7.87
N ALA A 166 -2.71 -12.59 -8.81
CA ALA A 166 -1.76 -11.53 -8.53
C ALA A 166 -2.37 -10.42 -7.65
N ASN A 167 -3.51 -9.85 -8.07
CA ASN A 167 -4.17 -8.80 -7.32
C ASN A 167 -4.44 -9.27 -5.89
N SER A 168 -4.93 -10.52 -5.73
CA SER A 168 -5.40 -10.95 -4.44
C SER A 168 -4.21 -11.21 -3.50
N LEU A 169 -3.15 -11.77 -4.10
CA LEU A 169 -1.95 -12.06 -3.33
C LEU A 169 -1.38 -10.77 -2.76
N ASN A 170 -1.36 -9.76 -3.62
CA ASN A 170 -0.86 -8.43 -3.27
C ASN A 170 -1.71 -7.86 -2.12
N LYS A 171 -3.05 -7.94 -2.23
CA LYS A 171 -3.93 -7.53 -1.15
C LYS A 171 -3.64 -8.26 0.18
N LEU A 172 -3.41 -9.60 0.10
CA LEU A 172 -3.42 -10.42 1.30
C LEU A 172 -2.05 -10.41 1.94
N ALA A 173 -1.02 -10.59 1.10
CA ALA A 173 0.37 -10.69 1.55
C ALA A 173 0.98 -9.31 1.79
N LEU A 174 0.54 -8.25 1.09
CA LEU A 174 1.11 -6.94 1.33
C LEU A 174 0.06 -5.91 1.75
N GLY A 175 -1.24 -6.11 1.48
CA GLY A 175 -2.19 -5.06 1.75
C GLY A 175 -2.67 -5.07 3.20
N ASN A 176 -3.95 -4.77 3.40
CA ASN A 176 -4.52 -4.47 4.72
C ASN A 176 -5.77 -5.30 4.97
N VAL A 177 -5.85 -6.50 4.41
CA VAL A 177 -6.90 -7.42 4.78
C VAL A 177 -6.54 -8.02 6.14
N LEU A 178 -5.24 -8.28 6.34
CA LEU A 178 -4.74 -8.87 7.58
C LEU A 178 -4.03 -7.76 8.34
N ASN A 179 -4.09 -7.78 9.69
CA ASN A 179 -3.34 -6.83 10.49
C ASN A 179 -1.88 -7.28 10.58
N ALA A 180 -1.02 -6.35 11.02
CA ALA A 180 0.43 -6.45 10.93
C ALA A 180 0.94 -7.79 11.45
N LYS A 181 0.35 -8.27 12.56
CA LYS A 181 0.85 -9.46 13.25
C LYS A 181 0.47 -10.69 12.42
N VAL A 182 -0.81 -10.69 12.01
CA VAL A 182 -1.38 -11.85 11.34
C VAL A 182 -0.81 -11.95 9.93
N LYS A 183 -0.57 -10.80 9.28
CA LYS A 183 0.10 -10.77 7.99
C LYS A 183 1.50 -11.43 8.02
N ALA A 184 2.32 -11.07 9.03
CA ALA A 184 3.66 -11.61 9.23
C ALA A 184 3.62 -13.14 9.29
N ILE A 185 2.61 -13.69 9.96
CA ILE A 185 2.44 -15.14 10.02
C ILE A 185 2.19 -15.69 8.62
N TYR A 186 1.33 -14.98 7.86
CA TYR A 186 0.94 -15.41 6.53
C TYR A 186 2.16 -15.43 5.63
N GLN A 187 2.98 -14.40 5.77
CA GLN A 187 4.17 -14.21 4.96
C GLN A 187 5.18 -15.31 5.28
N ASN A 188 5.39 -15.61 6.57
CA ASN A 188 6.23 -16.70 7.04
C ASN A 188 5.72 -18.04 6.50
N TRP A 189 4.37 -18.21 6.52
CA TRP A 189 3.85 -19.45 5.97
C TRP A 189 4.30 -19.56 4.53
N LEU A 190 4.18 -18.45 3.79
CA LEU A 190 4.48 -18.48 2.37
C LEU A 190 5.97 -18.70 2.11
N LYS A 191 6.82 -18.02 2.91
CA LYS A 191 8.26 -18.12 2.81
C LYS A 191 8.69 -19.57 3.00
N GLY A 192 8.07 -20.33 3.90
CA GLY A 192 8.48 -21.72 4.15
C GLY A 192 7.75 -22.78 3.31
N ASN A 193 7.09 -22.39 2.20
CA ASN A 193 6.53 -23.42 1.33
C ASN A 193 7.62 -24.41 0.87
N THR A 194 7.29 -25.71 0.77
CA THR A 194 8.31 -26.72 0.45
C THR A 194 8.16 -27.23 -0.98
N THR A 195 7.14 -26.75 -1.72
CA THR A 195 6.80 -27.46 -2.95
C THR A 195 7.23 -26.66 -4.17
N GLY A 196 8.00 -25.59 -4.00
CA GLY A 196 8.02 -24.59 -5.05
C GLY A 196 9.42 -24.38 -5.58
N ASP A 197 10.34 -25.26 -5.14
CA ASP A 197 11.77 -25.04 -5.34
C ASP A 197 12.14 -24.94 -6.83
N ALA A 198 11.36 -25.54 -7.71
CA ALA A 198 11.71 -25.68 -9.12
C ALA A 198 10.93 -24.66 -9.95
N ARG A 199 10.12 -23.80 -9.33
CA ARG A 199 9.27 -22.91 -10.11
C ARG A 199 9.75 -21.48 -9.96
N ILE A 200 8.90 -20.57 -9.40
CA ILE A 200 9.26 -19.18 -9.30
C ILE A 200 10.59 -19.02 -8.56
N ARG A 201 10.81 -19.79 -7.50
CA ARG A 201 12.01 -19.74 -6.67
C ARG A 201 13.26 -19.89 -7.52
N ALA A 202 13.20 -20.77 -8.55
CA ALA A 202 14.33 -21.10 -9.40
C ALA A 202 14.66 -19.92 -10.31
N SER A 203 13.73 -18.97 -10.41
CA SER A 203 13.87 -17.88 -11.36
C SER A 203 14.61 -16.69 -10.77
N VAL A 204 15.02 -16.77 -9.49
CA VAL A 204 15.49 -15.58 -8.78
C VAL A 204 16.82 -15.88 -8.09
N PRO A 205 17.62 -14.82 -7.81
CA PRO A 205 18.90 -14.96 -7.13
C PRO A 205 18.64 -15.56 -5.75
N ALA A 206 19.52 -16.51 -5.35
CA ALA A 206 19.45 -17.18 -4.05
C ALA A 206 19.27 -16.24 -2.85
N ASP A 207 19.76 -14.99 -2.89
CA ASP A 207 19.69 -14.24 -1.65
C ASP A 207 18.43 -13.38 -1.54
N TRP A 208 17.53 -13.49 -2.53
CA TRP A 208 16.20 -12.91 -2.42
C TRP A 208 15.32 -13.82 -1.57
N VAL A 209 14.34 -13.22 -0.89
CA VAL A 209 13.39 -13.99 -0.10
C VAL A 209 12.09 -14.13 -0.91
N VAL A 210 11.58 -15.37 -0.96
CA VAL A 210 10.45 -15.74 -1.81
C VAL A 210 9.39 -16.43 -0.96
N GLY A 211 8.12 -16.02 -1.10
CA GLY A 211 7.01 -16.81 -0.55
C GLY A 211 6.05 -17.22 -1.65
N ASP A 212 5.65 -18.50 -1.70
CA ASP A 212 4.84 -18.88 -2.85
C ASP A 212 3.86 -20.00 -2.51
N LYS A 213 2.98 -20.27 -3.49
CA LYS A 213 2.10 -21.44 -3.45
C LYS A 213 1.94 -21.97 -4.87
N THR A 214 2.17 -23.29 -5.07
CA THR A 214 2.11 -23.97 -6.35
C THR A 214 0.79 -24.69 -6.48
N GLY A 215 0.46 -25.09 -7.70
CA GLY A 215 -0.57 -26.10 -7.86
C GLY A 215 -0.16 -27.00 -9.00
N SER A 216 -0.54 -28.27 -8.92
CA SER A 216 -0.28 -29.19 -10.01
C SER A 216 -1.46 -30.12 -10.22
N CYS A 217 -2.23 -29.87 -11.28
CA CYS A 217 -3.45 -30.64 -11.51
C CYS A 217 -3.15 -32.08 -11.89
N GLY A 218 -1.98 -32.31 -12.51
CA GLY A 218 -1.55 -33.63 -12.95
C GLY A 218 -2.41 -34.21 -14.09
N ALA A 219 -2.95 -33.34 -14.95
CA ALA A 219 -3.59 -33.73 -16.20
C ALA A 219 -3.44 -32.53 -17.12
N TYR A 220 -3.24 -32.76 -18.42
CA TYR A 220 -3.23 -31.64 -19.35
C TYR A 220 -2.07 -30.69 -19.02
N GLY A 221 -1.02 -31.32 -18.46
CA GLY A 221 0.21 -30.64 -18.07
C GLY A 221 -0.04 -29.29 -17.41
N THR A 222 -1.05 -29.21 -16.52
CA THR A 222 -1.55 -27.97 -15.94
C THR A 222 -0.84 -27.75 -14.62
N ALA A 223 -0.05 -26.69 -14.50
CA ALA A 223 0.54 -26.40 -13.21
C ALA A 223 0.74 -24.90 -13.16
N ASN A 224 0.95 -24.38 -11.94
CA ASN A 224 1.05 -22.93 -11.77
C ASN A 224 1.83 -22.63 -10.49
N ASP A 225 2.17 -21.36 -10.27
CA ASP A 225 2.84 -20.90 -9.07
C ASP A 225 2.59 -19.39 -8.97
N TYR A 226 2.24 -18.93 -7.76
CA TYR A 226 2.30 -17.49 -7.51
C TYR A 226 3.19 -17.19 -6.28
N ALA A 227 3.81 -16.01 -6.25
CA ALA A 227 4.83 -15.69 -5.25
C ALA A 227 4.80 -14.21 -4.93
N VAL A 228 5.08 -13.88 -3.66
CA VAL A 228 5.56 -12.56 -3.28
C VAL A 228 7.06 -12.63 -3.21
N ILE A 229 7.75 -11.61 -3.73
CA ILE A 229 9.21 -11.66 -3.87
C ILE A 229 9.82 -10.43 -3.24
N TRP A 230 10.77 -10.65 -2.31
CA TRP A 230 11.48 -9.54 -1.69
C TRP A 230 12.94 -9.46 -2.16
N PRO A 231 13.30 -8.65 -3.16
CA PRO A 231 14.70 -8.55 -3.60
C PRO A 231 15.46 -7.81 -2.49
N LYS A 232 16.80 -7.92 -2.50
CA LYS A 232 17.63 -7.10 -1.63
C LYS A 232 17.51 -5.64 -2.09
N ASN A 233 17.17 -4.71 -1.17
CA ASN A 233 17.17 -3.27 -1.39
C ASN A 233 16.23 -2.77 -2.51
N ARG A 234 15.13 -3.51 -2.79
CA ARG A 234 14.03 -3.04 -3.65
C ARG A 234 12.70 -3.34 -2.97
N ALA A 235 11.60 -2.84 -3.54
CA ALA A 235 10.28 -3.11 -2.95
C ALA A 235 9.79 -4.44 -3.47
N PRO A 236 8.79 -5.09 -2.81
CA PRO A 236 8.23 -6.39 -3.22
C PRO A 236 7.71 -6.46 -4.66
N LEU A 237 7.90 -7.64 -5.30
CA LEU A 237 7.32 -8.00 -6.59
C LEU A 237 6.22 -9.02 -6.32
N ILE A 238 5.27 -9.14 -7.26
CA ILE A 238 4.23 -10.17 -7.27
C ILE A 238 4.31 -10.81 -8.64
N VAL A 239 4.37 -12.15 -8.69
CA VAL A 239 4.49 -12.87 -9.95
C VAL A 239 3.51 -14.01 -9.85
N SER A 240 2.82 -14.26 -10.95
CA SER A 240 1.74 -15.24 -10.99
C SER A 240 1.77 -15.91 -12.37
N ILE A 241 1.99 -17.22 -12.43
CA ILE A 241 2.24 -17.93 -13.67
C ILE A 241 1.29 -19.14 -13.67
N TYR A 242 0.47 -19.28 -14.75
CA TYR A 242 -0.48 -20.38 -14.95
C TYR A 242 -0.18 -21.07 -16.29
N THR A 243 -0.30 -22.38 -16.33
CA THR A 243 0.04 -23.06 -17.57
C THR A 243 -0.94 -24.19 -17.78
N THR A 244 -1.17 -24.50 -19.05
CA THR A 244 -2.00 -25.64 -19.45
C THR A 244 -1.33 -26.29 -20.65
N ARG A 245 -1.64 -27.57 -20.92
CA ARG A 245 -1.11 -28.28 -22.12
C ARG A 245 -2.27 -28.93 -22.89
N LYS A 246 -2.03 -29.47 -24.10
CA LYS A 246 -3.09 -29.91 -25.00
C LYS A 246 -3.66 -31.27 -24.58
N SER A 247 -2.79 -32.25 -24.30
CA SER A 247 -3.29 -33.62 -24.17
C SER A 247 -3.33 -34.07 -22.71
N LYS A 248 -4.34 -34.87 -22.38
CA LYS A 248 -4.58 -35.38 -21.05
C LYS A 248 -3.29 -35.86 -20.39
N ASP A 249 -2.40 -36.51 -21.16
CA ASP A 249 -1.25 -37.25 -20.70
C ASP A 249 0.02 -36.39 -20.61
N ASP A 250 -0.06 -35.14 -21.10
CA ASP A 250 1.08 -34.25 -21.07
C ASP A 250 1.47 -34.02 -19.61
N LYS A 251 2.77 -34.08 -19.31
CA LYS A 251 3.29 -33.70 -18.00
C LYS A 251 3.44 -32.18 -17.96
N HIS A 252 3.35 -31.65 -16.72
CA HIS A 252 3.60 -30.25 -16.48
C HIS A 252 5.08 -30.00 -16.65
N SER A 253 5.47 -28.72 -16.79
CA SER A 253 6.84 -28.30 -16.97
C SER A 253 7.21 -27.23 -15.94
N ASP A 254 8.02 -27.60 -14.96
CA ASP A 254 8.47 -26.66 -13.94
C ASP A 254 9.43 -25.65 -14.54
N LYS A 255 10.24 -26.06 -15.52
CA LYS A 255 11.17 -25.18 -16.20
C LYS A 255 10.45 -24.11 -17.03
N THR A 256 9.32 -24.46 -17.67
CA THR A 256 8.51 -23.49 -18.39
C THR A 256 8.02 -22.42 -17.41
N ILE A 257 7.56 -22.84 -16.24
CA ILE A 257 7.14 -21.89 -15.21
C ILE A 257 8.26 -20.95 -14.76
N ALA A 258 9.45 -21.53 -14.53
CA ALA A 258 10.59 -20.79 -14.00
C ALA A 258 11.07 -19.80 -15.07
N GLU A 259 11.02 -20.28 -16.31
CA GLU A 259 11.35 -19.44 -17.44
C GLU A 259 10.30 -18.33 -17.61
N ALA A 260 9.00 -18.66 -17.58
CA ALA A 260 8.01 -17.60 -17.67
C ALA A 260 8.22 -16.58 -16.56
N SER A 261 8.54 -17.08 -15.35
CA SER A 261 8.75 -16.21 -14.21
C SER A 261 9.91 -15.26 -14.51
N ARG A 262 11.02 -15.83 -15.02
CA ARG A 262 12.21 -15.05 -15.32
C ARG A 262 11.88 -13.95 -16.32
N ILE A 263 11.09 -14.28 -17.36
CA ILE A 263 10.78 -13.30 -18.39
C ILE A 263 9.95 -12.17 -17.76
N ALA A 264 8.99 -12.55 -16.88
CA ALA A 264 8.02 -11.62 -16.29
C ALA A 264 8.70 -10.62 -15.36
N ILE A 265 9.63 -11.11 -14.55
CA ILE A 265 10.47 -10.30 -13.70
C ILE A 265 11.28 -9.29 -14.52
N GLN A 266 11.79 -9.70 -15.69
CA GLN A 266 12.59 -8.74 -16.40
C GLN A 266 11.67 -7.65 -16.90
N ALA A 267 10.51 -8.06 -17.40
CA ALA A 267 9.54 -7.18 -18.01
C ALA A 267 9.00 -6.11 -17.06
N ILE A 268 8.89 -6.37 -15.73
CA ILE A 268 8.30 -5.37 -14.84
C ILE A 268 9.38 -4.42 -14.32
N ASP A 269 10.55 -4.56 -14.95
CA ASP A 269 11.76 -3.94 -14.47
C ASP A 269 12.21 -2.86 -15.47
N ASN B 3 26.12 36.33 5.05
CA ASN B 3 26.09 37.71 5.61
C ASN B 3 24.72 38.37 5.34
N LYS B 4 24.03 37.94 4.27
CA LYS B 4 22.68 38.40 3.95
C LYS B 4 21.67 37.25 4.09
N SER B 5 22.20 36.09 4.47
CA SER B 5 21.45 34.93 4.92
C SER B 5 21.41 34.95 6.45
N ASP B 6 22.38 35.64 7.06
CA ASP B 6 22.32 36.00 8.46
C ASP B 6 21.27 37.10 8.66
N ALA B 7 21.10 37.97 7.67
CA ALA B 7 20.10 39.05 7.77
C ALA B 7 18.70 38.44 7.85
N ALA B 8 18.34 37.58 6.86
CA ALA B 8 17.07 36.84 6.85
C ALA B 8 16.80 36.12 8.18
N ALA B 9 17.85 35.58 8.82
CA ALA B 9 17.73 34.89 10.08
C ALA B 9 17.37 35.90 11.16
N LYS B 10 17.94 37.10 11.01
CA LYS B 10 17.70 38.19 11.94
C LYS B 10 16.22 38.57 11.89
N GLN B 11 15.66 38.76 10.69
CA GLN B 11 14.26 39.16 10.55
C GLN B 11 13.33 38.05 11.07
N ILE B 12 13.76 36.78 11.02
CA ILE B 12 12.91 35.70 11.49
C ILE B 12 12.89 35.77 13.01
N LYS B 13 14.10 35.96 13.60
CA LYS B 13 14.23 36.23 15.04
C LYS B 13 13.24 37.33 15.51
N LYS B 14 13.23 38.48 14.82
CA LYS B 14 12.47 39.64 15.25
C LYS B 14 10.96 39.31 15.17
N LEU B 15 10.55 38.59 14.13
CA LEU B 15 9.18 38.16 13.94
C LEU B 15 8.77 37.20 15.05
N GLU B 16 9.70 36.34 15.49
CA GLU B 16 9.32 35.39 16.53
C GLU B 16 9.22 36.13 17.87
N GLU B 17 10.13 37.10 18.06
CA GLU B 17 10.13 37.91 19.26
C GLU B 17 8.89 38.80 19.26
N ASP B 18 8.50 39.35 18.08
CA ASP B 18 7.34 40.23 18.00
C ASP B 18 6.06 39.53 18.49
N PHE B 19 5.89 38.25 18.13
CA PHE B 19 4.62 37.56 18.41
C PHE B 19 4.82 36.57 19.58
N ASP B 20 6.02 36.55 20.18
CA ASP B 20 6.29 35.80 21.41
C ASP B 20 6.04 34.30 21.16
N GLY B 21 6.83 33.73 20.24
CA GLY B 21 6.63 32.32 19.94
C GLY B 21 7.87 31.85 19.23
N ARG B 22 7.69 30.90 18.34
CA ARG B 22 8.83 30.25 17.72
C ARG B 22 8.44 29.96 16.26
N ILE B 23 9.33 30.37 15.34
CA ILE B 23 9.12 30.13 13.94
C ILE B 23 10.24 29.21 13.40
N GLY B 24 9.84 28.17 12.66
CA GLY B 24 10.77 27.31 11.94
C GLY B 24 10.53 27.39 10.43
N VAL B 25 11.63 27.56 9.67
CA VAL B 25 11.51 27.75 8.22
C VAL B 25 12.53 26.83 7.54
N PHE B 26 12.12 26.21 6.44
CA PHE B 26 13.06 25.71 5.45
C PHE B 26 12.54 26.00 4.04
N ALA B 27 13.48 26.35 3.14
CA ALA B 27 13.12 26.77 1.80
C ALA B 27 14.23 26.35 0.85
N ILE B 28 13.84 25.87 -0.36
CA ILE B 28 14.79 25.36 -1.30
C ILE B 28 14.37 25.97 -2.61
N ASP B 29 15.38 26.42 -3.35
CA ASP B 29 15.14 26.79 -4.72
C ASP B 29 15.69 25.63 -5.54
N THR B 30 14.82 24.87 -6.24
CA THR B 30 15.25 23.62 -6.89
C THR B 30 16.08 23.92 -8.15
N GLY B 31 16.00 25.16 -8.66
CA GLY B 31 16.71 25.56 -9.87
C GLY B 31 18.19 25.80 -9.59
N SER B 32 18.52 26.25 -8.36
CA SER B 32 19.86 26.70 -8.02
C SER B 32 20.41 25.89 -6.85
N GLY B 33 19.54 25.30 -6.02
CA GLY B 33 19.96 24.58 -4.83
C GLY B 33 20.22 25.45 -3.62
N ASN B 34 19.97 26.77 -3.70
CA ASN B 34 20.14 27.59 -2.51
C ASN B 34 19.08 27.22 -1.48
N THR B 35 19.42 27.22 -0.20
CA THR B 35 18.50 26.84 0.84
C THR B 35 18.53 27.92 1.92
N PHE B 36 17.53 27.90 2.81
CA PHE B 36 17.48 28.81 3.93
C PHE B 36 16.73 28.08 5.03
N GLY B 37 17.35 28.10 6.23
CA GLY B 37 16.80 27.42 7.36
C GLY B 37 16.83 28.32 8.59
N TYR B 38 15.77 28.25 9.39
CA TYR B 38 15.83 28.84 10.70
C TYR B 38 15.07 27.89 11.61
N ARG B 39 15.77 27.35 12.60
CA ARG B 39 15.26 26.29 13.45
C ARG B 39 14.76 25.15 12.59
N SER B 40 15.44 24.89 11.47
CA SER B 40 14.91 23.94 10.48
C SER B 40 15.07 22.50 10.94
N ASP B 41 15.85 22.26 12.01
CA ASP B 41 16.02 20.94 12.56
C ASP B 41 15.31 20.79 13.91
N GLU B 42 14.51 21.77 14.33
CA GLU B 42 13.72 21.60 15.54
C GLU B 42 12.32 21.06 15.17
N ARG B 43 11.80 20.28 16.14
CA ARG B 43 10.45 19.72 16.09
C ARG B 43 9.36 20.80 16.26
N PHE B 44 8.35 20.73 15.36
CA PHE B 44 7.09 21.46 15.50
C PHE B 44 5.93 20.48 15.35
N PRO B 45 4.80 20.74 16.05
CA PRO B 45 3.56 20.01 15.82
C PRO B 45 3.15 20.14 14.34
N LEU B 46 2.78 19.00 13.81
CA LEU B 46 2.32 18.86 12.46
C LEU B 46 0.92 19.49 12.32
N CYS B 47 0.07 19.38 13.35
CA CYS B 47 -1.36 19.61 13.15
C CYS B 47 -1.86 18.87 11.88
N SER B 48 -2.69 19.54 11.06
CA SER B 48 -3.41 18.91 9.96
C SER B 48 -2.47 18.76 8.78
N SER B 49 -1.21 19.24 8.94
CA SER B 49 -0.32 19.31 7.81
C SER B 49 0.09 17.90 7.35
N PHE B 50 -0.05 16.88 8.18
CA PHE B 50 0.34 15.54 7.73
C PHE B 50 -0.62 15.01 6.67
N LYS B 51 -1.85 15.57 6.59
CA LYS B 51 -2.84 15.07 5.60
C LYS B 51 -2.32 15.18 4.16
N GLY B 52 -1.46 16.19 3.93
CA GLY B 52 -0.84 16.33 2.63
C GLY B 52 0.04 15.14 2.29
N PHE B 53 0.61 14.49 3.30
CA PHE B 53 1.44 13.33 3.06
C PHE B 53 0.56 12.07 2.97
N LEU B 54 -0.43 12.02 3.86
CA LEU B 54 -1.47 10.99 3.82
C LEU B 54 -2.09 10.89 2.42
N ALA B 55 -2.31 12.01 1.74
CA ALA B 55 -2.93 11.83 0.46
C ALA B 55 -1.91 11.24 -0.52
N ALA B 56 -0.65 11.60 -0.33
CA ALA B 56 0.44 11.05 -1.14
C ALA B 56 0.51 9.52 -0.96
N ALA B 57 0.33 9.06 0.28
CA ALA B 57 0.41 7.64 0.62
C ALA B 57 -0.70 6.87 -0.10
N VAL B 58 -1.92 7.42 -0.11
CA VAL B 58 -3.01 6.81 -0.83
C VAL B 58 -2.67 6.68 -2.32
N LEU B 59 -2.15 7.74 -2.92
CA LEU B 59 -1.84 7.69 -4.34
C LEU B 59 -0.71 6.67 -4.59
N GLU B 60 0.15 6.50 -3.61
CA GLU B 60 1.21 5.52 -3.77
C GLU B 60 0.62 4.11 -3.77
N ARG B 61 -0.35 3.81 -2.90
CA ARG B 61 -0.96 2.49 -2.94
C ARG B 61 -1.84 2.29 -4.18
N VAL B 62 -2.36 3.39 -4.77
CA VAL B 62 -3.07 3.29 -6.04
C VAL B 62 -2.08 2.79 -7.09
N GLN B 63 -0.92 3.45 -7.16
CA GLN B 63 0.13 3.16 -8.13
C GLN B 63 0.65 1.73 -7.95
N GLN B 64 0.75 1.28 -6.69
CA GLN B 64 1.16 -0.08 -6.36
C GLN B 64 0.03 -1.07 -6.63
N LYS B 65 -1.09 -0.55 -7.12
CA LYS B 65 -2.21 -1.36 -7.59
C LYS B 65 -2.95 -2.00 -6.42
N LYS B 66 -2.65 -1.57 -5.20
CA LYS B 66 -3.32 -2.13 -4.03
C LYS B 66 -4.75 -1.60 -3.86
N LEU B 67 -5.02 -0.38 -4.36
CA LEU B 67 -6.30 0.30 -4.20
C LEU B 67 -6.63 0.88 -5.57
N ASP B 68 -7.90 1.21 -5.78
CA ASP B 68 -8.38 1.79 -7.02
C ASP B 68 -8.83 3.23 -6.71
N ILE B 69 -8.47 4.18 -7.56
CA ILE B 69 -8.75 5.57 -7.23
C ILE B 69 -10.22 5.86 -7.31
N ASN B 70 -10.99 5.04 -8.02
CA ASN B 70 -12.44 5.26 -8.07
C ASN B 70 -13.24 4.25 -7.26
N GLN B 71 -12.57 3.49 -6.39
CA GLN B 71 -13.31 2.54 -5.57
C GLN B 71 -14.18 3.34 -4.60
N LYS B 72 -15.39 2.82 -4.37
CA LYS B 72 -16.31 3.55 -3.52
C LYS B 72 -15.96 3.29 -2.06
N VAL B 73 -16.06 4.33 -1.22
CA VAL B 73 -15.84 4.19 0.20
C VAL B 73 -17.12 4.61 0.94
N LYS B 74 -17.72 3.65 1.68
CA LYS B 74 -19.03 3.83 2.29
C LYS B 74 -18.82 3.89 3.80
N TYR B 75 -19.52 4.77 4.50
CA TYR B 75 -19.35 4.98 5.93
C TYR B 75 -20.67 5.52 6.53
N GLU B 76 -21.84 5.11 5.99
CA GLU B 76 -23.14 5.48 6.56
C GLU B 76 -23.19 5.24 8.08
N SER B 77 -22.62 4.12 8.58
CA SER B 77 -22.71 3.82 10.01
C SER B 77 -21.89 4.79 10.91
N ARG B 78 -20.94 5.57 10.37
CA ARG B 78 -19.94 6.25 11.18
C ARG B 78 -20.43 7.60 11.73
N ASP B 79 -20.15 7.92 12.99
CA ASP B 79 -20.19 9.29 13.43
C ASP B 79 -18.94 10.06 13.03
N LEU B 80 -19.12 11.19 12.37
CA LEU B 80 -18.02 11.94 11.75
C LEU B 80 -17.32 12.88 12.73
N GLU B 81 -16.00 12.96 12.63
CA GLU B 81 -15.24 13.85 13.49
C GLU B 81 -15.68 15.29 13.24
N TYR B 82 -15.36 16.15 14.19
CA TYR B 82 -15.51 17.57 14.00
C TYR B 82 -14.68 17.96 12.76
N HIS B 83 -15.18 18.93 12.01
CA HIS B 83 -14.54 19.47 10.79
C HIS B 83 -14.40 18.39 9.74
N SER B 84 -15.57 17.92 9.27
CA SER B 84 -15.70 16.95 8.22
C SER B 84 -16.64 17.49 7.12
N PRO B 85 -16.34 18.67 6.50
CA PRO B 85 -17.32 19.33 5.59
C PRO B 85 -17.66 18.49 4.37
N ILE B 86 -16.75 17.68 3.87
CA ILE B 86 -17.00 17.05 2.59
C ILE B 86 -17.71 15.73 2.89
N THR B 87 -17.08 14.98 3.83
CA THR B 87 -17.57 13.66 4.25
C THR B 87 -19.00 13.78 4.79
N THR B 88 -19.33 14.83 5.56
CA THR B 88 -20.73 15.10 5.91
C THR B 88 -21.68 15.14 4.68
N LYS B 89 -21.33 15.88 3.64
CA LYS B 89 -22.25 16.04 2.53
C LYS B 89 -22.33 14.79 1.63
N TYR B 90 -21.31 13.89 1.65
CA TYR B 90 -21.36 12.69 0.85
C TYR B 90 -21.88 11.48 1.64
N LYS B 91 -22.16 11.65 2.94
CA LYS B 91 -22.38 10.54 3.85
C LYS B 91 -23.51 9.56 3.38
N GLY B 92 -24.55 10.07 2.69
CA GLY B 92 -25.54 9.14 2.15
C GLY B 92 -24.99 8.15 1.10
N SER B 93 -24.02 8.62 0.30
CA SER B 93 -23.78 7.97 -0.97
C SER B 93 -22.37 7.42 -1.07
N GLY B 94 -21.54 7.58 -0.05
CA GLY B 94 -20.14 7.16 -0.14
C GLY B 94 -19.31 8.12 -1.02
N MET B 95 -17.97 7.94 -1.08
CA MET B 95 -17.14 8.75 -1.95
C MET B 95 -16.16 7.84 -2.66
N THR B 96 -15.62 8.30 -3.81
CA THR B 96 -14.49 7.58 -4.34
C THR B 96 -13.33 7.80 -3.35
N LEU B 97 -12.39 6.84 -3.34
CA LEU B 97 -11.12 6.91 -2.65
C LEU B 97 -10.38 8.21 -2.99
N GLY B 98 -10.35 8.58 -4.29
CA GLY B 98 -9.64 9.78 -4.72
C GLY B 98 -10.24 11.07 -4.13
N ASP B 99 -11.58 11.16 -4.16
CA ASP B 99 -12.32 12.29 -3.59
C ASP B 99 -12.14 12.32 -2.08
N MET B 100 -12.11 11.16 -1.40
CA MET B 100 -11.96 11.24 0.03
C MET B 100 -10.56 11.76 0.31
N ALA B 101 -9.57 11.34 -0.48
CA ALA B 101 -8.17 11.69 -0.26
C ALA B 101 -7.96 13.16 -0.55
N SER B 102 -8.61 13.67 -1.59
CA SER B 102 -8.41 15.06 -1.91
C SER B 102 -9.16 15.86 -0.87
N ALA B 103 -10.26 15.32 -0.33
CA ALA B 103 -11.00 16.04 0.72
C ALA B 103 -10.10 16.21 1.95
N ALA B 104 -9.38 15.15 2.28
CA ALA B 104 -8.56 15.20 3.48
C ALA B 104 -7.52 16.33 3.26
N LEU B 105 -7.11 16.52 2.00
CA LEU B 105 -6.03 17.45 1.72
C LEU B 105 -6.59 18.84 1.53
N GLN B 106 -7.58 18.98 0.64
CA GLN B 106 -8.00 20.28 0.20
C GLN B 106 -8.95 21.00 1.18
N TYR B 107 -9.53 20.27 2.15
CA TYR B 107 -10.33 20.97 3.11
C TYR B 107 -9.91 20.66 4.53
N SER B 108 -8.93 19.76 4.69
CA SER B 108 -8.49 19.30 5.99
C SER B 108 -9.60 18.51 6.72
N ASP B 109 -10.33 17.68 5.98
CA ASP B 109 -11.50 16.96 6.48
C ASP B 109 -11.02 15.81 7.38
N ASN B 110 -11.45 15.86 8.64
CA ASN B 110 -10.99 14.98 9.71
C ASN B 110 -11.58 13.57 9.55
N GLY B 111 -12.85 13.45 9.17
CA GLY B 111 -13.45 12.13 9.00
C GLY B 111 -12.73 11.38 7.88
N ALA B 112 -12.41 12.14 6.81
CA ALA B 112 -11.75 11.63 5.62
C ALA B 112 -10.39 11.08 5.99
N THR B 113 -9.61 11.89 6.72
CA THR B 113 -8.33 11.47 7.26
C THR B 113 -8.47 10.18 8.07
N ASN B 114 -9.36 10.15 9.08
CA ASN B 114 -9.42 9.03 10.00
C ASN B 114 -9.87 7.78 9.28
N ILE B 115 -10.84 7.94 8.35
CA ILE B 115 -11.32 6.80 7.62
C ILE B 115 -10.15 6.19 6.82
N ILE B 116 -9.43 7.06 6.06
CA ILE B 116 -8.40 6.55 5.20
C ILE B 116 -7.35 5.87 6.10
N MET B 117 -6.94 6.49 7.23
CA MET B 117 -5.95 5.92 8.12
C MET B 117 -6.40 4.61 8.73
N GLU B 118 -7.72 4.46 9.01
CA GLU B 118 -8.13 3.20 9.62
C GLU B 118 -8.21 2.08 8.59
N ARG B 119 -8.53 2.36 7.33
CA ARG B 119 -8.90 1.25 6.47
C ARG B 119 -7.77 0.96 5.52
N PHE B 120 -6.91 1.96 5.24
CA PHE B 120 -5.99 1.82 4.12
C PHE B 120 -4.54 1.96 4.56
N LEU B 121 -4.23 2.74 5.60
CA LEU B 121 -2.83 3.06 5.86
C LEU B 121 -2.23 2.37 7.09
N GLY B 122 -3.00 1.60 7.87
CA GLY B 122 -2.46 1.06 9.12
C GLY B 122 -2.36 2.08 10.25
N GLY B 123 -3.30 3.05 10.39
CA GLY B 123 -3.31 3.97 11.53
C GLY B 123 -2.10 4.92 11.58
N PRO B 124 -1.84 5.65 12.69
CA PRO B 124 -0.66 6.53 12.75
C PRO B 124 0.68 5.83 12.59
N GLU B 125 0.75 4.54 12.94
CA GLU B 125 1.98 3.78 12.84
C GLU B 125 2.32 3.59 11.37
N GLY B 126 1.30 3.19 10.59
CA GLY B 126 1.45 2.98 9.15
C GLY B 126 1.80 4.28 8.41
N MET B 127 1.17 5.37 8.84
CA MET B 127 1.48 6.68 8.29
C MET B 127 2.95 7.06 8.58
N THR B 128 3.41 6.90 9.83
CA THR B 128 4.83 7.05 10.12
C THR B 128 5.73 6.17 9.21
N LYS B 129 5.36 4.89 9.04
CA LYS B 129 6.17 3.93 8.31
C LYS B 129 6.26 4.35 6.85
N PHE B 130 5.16 4.93 6.33
CA PHE B 130 5.12 5.45 4.99
C PHE B 130 6.28 6.42 4.83
N MET B 131 6.42 7.33 5.78
CA MET B 131 7.41 8.41 5.68
C MET B 131 8.82 7.84 5.78
N ARG B 132 9.04 6.88 6.70
CA ARG B 132 10.32 6.16 6.75
C ARG B 132 10.67 5.61 5.37
N SER B 133 9.66 5.15 4.64
CA SER B 133 9.92 4.47 3.40
C SER B 133 10.40 5.43 2.31
N ILE B 134 10.17 6.74 2.42
CA ILE B 134 10.75 7.63 1.44
C ILE B 134 11.99 8.30 2.04
N GLY B 135 12.47 7.81 3.18
CA GLY B 135 13.70 8.31 3.75
C GLY B 135 13.50 9.49 4.70
N ASP B 136 12.26 9.82 5.10
CA ASP B 136 12.01 10.81 6.14
C ASP B 136 12.12 10.21 7.54
N ASN B 137 13.17 10.61 8.27
CA ASN B 137 13.48 10.01 9.54
C ASN B 137 12.97 10.83 10.72
N GLU B 138 12.48 12.05 10.47
CA GLU B 138 12.06 12.91 11.56
C GLU B 138 10.61 12.64 11.91
N PHE B 139 9.75 12.62 10.88
CA PHE B 139 8.33 12.73 11.05
C PHE B 139 7.85 11.63 11.99
N ARG B 140 6.97 11.97 12.93
CA ARG B 140 6.26 10.92 13.63
C ARG B 140 4.80 11.37 13.83
N LEU B 141 3.89 10.45 13.46
CA LEU B 141 2.46 10.56 13.78
C LEU B 141 2.13 9.53 14.85
N ASP B 142 1.54 10.00 15.95
CA ASP B 142 1.27 9.15 17.12
C ASP B 142 -0.22 9.04 17.39
N ARG B 143 -0.98 10.07 17.02
CA ARG B 143 -2.39 10.17 17.41
C ARG B 143 -3.25 10.20 16.16
N TRP B 144 -4.58 10.08 16.31
CA TRP B 144 -5.57 10.19 15.26
C TRP B 144 -5.93 11.65 15.13
N ALA B 145 -6.76 11.97 14.13
CA ALA B 145 -6.84 13.31 13.57
C ALA B 145 -7.25 14.33 14.63
N LEU B 146 -8.19 13.98 15.49
CA LEU B 146 -8.67 15.04 16.36
C LEU B 146 -7.73 15.19 17.58
N GLU B 147 -6.97 14.16 17.93
CA GLU B 147 -6.21 14.24 19.18
C GLU B 147 -4.81 14.83 19.00
N LEU B 148 -4.32 14.92 17.76
CA LEU B 148 -2.90 15.19 17.57
C LEU B 148 -2.60 16.72 17.48
N ASN B 149 -3.61 17.55 17.77
CA ASN B 149 -3.60 19.01 17.61
C ASN B 149 -3.44 19.69 18.98
N THR B 150 -2.98 18.95 20.01
CA THR B 150 -2.86 19.52 21.35
C THR B 150 -1.71 20.52 21.43
N ALA B 151 -0.64 20.30 20.63
CA ALA B 151 0.46 21.24 20.49
C ALA B 151 1.09 21.69 21.82
N ILE B 152 1.28 20.77 22.79
CA ILE B 152 1.75 21.12 24.14
C ILE B 152 3.23 21.45 24.04
N PRO B 153 3.72 22.62 24.53
CA PRO B 153 5.17 22.90 24.48
C PRO B 153 6.06 21.76 25.04
N GLY B 154 7.19 21.53 24.37
CA GLY B 154 8.11 20.43 24.63
C GLY B 154 7.69 19.05 24.12
N ASP B 155 6.41 18.83 23.72
CA ASP B 155 5.88 17.49 23.41
C ASP B 155 6.31 17.12 21.98
N LYS B 156 6.86 15.91 21.81
CA LYS B 156 7.35 15.52 20.49
C LYS B 156 6.38 14.60 19.77
N ARG B 157 5.28 14.21 20.42
CA ARG B 157 4.27 13.46 19.68
C ARG B 157 3.70 14.28 18.51
N ASP B 158 3.48 13.64 17.37
CA ASP B 158 2.91 14.24 16.18
C ASP B 158 3.74 15.44 15.71
N THR B 159 5.06 15.30 15.59
CA THR B 159 5.87 16.39 15.11
C THR B 159 6.76 15.90 13.98
N SER B 160 7.29 16.89 13.26
CA SER B 160 8.44 16.76 12.38
C SER B 160 9.27 18.05 12.50
N THR B 161 10.19 18.19 11.55
CA THR B 161 11.02 19.39 11.42
C THR B 161 10.64 20.09 10.12
N PRO B 162 10.78 21.42 10.03
CA PRO B 162 10.62 22.15 8.76
C PRO B 162 11.38 21.55 7.57
N LYS B 163 12.65 21.26 7.82
CA LYS B 163 13.53 20.68 6.80
C LYS B 163 13.01 19.33 6.29
N ALA B 164 12.55 18.49 7.21
CA ALA B 164 12.11 17.15 6.82
C ALA B 164 10.80 17.22 6.02
N VAL B 165 9.90 18.12 6.44
CA VAL B 165 8.68 18.34 5.68
C VAL B 165 9.02 18.83 4.26
N ALA B 166 9.88 19.85 4.13
CA ALA B 166 10.43 20.30 2.87
C ALA B 166 11.04 19.18 2.03
N ASN B 167 11.95 18.42 2.63
CA ASN B 167 12.58 17.31 1.90
C ASN B 167 11.52 16.35 1.39
N SER B 168 10.49 16.04 2.20
CA SER B 168 9.53 15.00 1.83
C SER B 168 8.59 15.51 0.73
N LEU B 169 8.22 16.80 0.84
CA LEU B 169 7.31 17.40 -0.11
C LEU B 169 8.02 17.42 -1.47
N ASN B 170 9.31 17.73 -1.41
CA ASN B 170 10.13 17.81 -2.60
C ASN B 170 10.22 16.41 -3.24
N LYS B 171 10.48 15.36 -2.45
CA LYS B 171 10.37 13.97 -2.91
C LYS B 171 9.02 13.62 -3.59
N LEU B 172 7.89 14.06 -2.98
CA LEU B 172 6.59 13.51 -3.38
C LEU B 172 6.03 14.36 -4.53
N ALA B 173 6.12 15.71 -4.41
CA ALA B 173 5.59 16.64 -5.40
C ALA B 173 6.56 16.80 -6.60
N LEU B 174 7.88 16.66 -6.39
CA LEU B 174 8.79 16.85 -7.50
C LEU B 174 9.70 15.64 -7.74
N GLY B 175 9.84 14.70 -6.81
CA GLY B 175 10.76 13.60 -7.04
C GLY B 175 10.11 12.42 -7.77
N ASN B 176 10.51 11.21 -7.37
CA ASN B 176 10.27 9.99 -8.11
C ASN B 176 9.56 8.93 -7.27
N VAL B 177 8.90 9.31 -6.16
CA VAL B 177 8.16 8.32 -5.41
C VAL B 177 6.89 7.97 -6.21
N LEU B 178 6.28 9.00 -6.81
CA LEU B 178 5.05 8.89 -7.57
C LEU B 178 5.44 8.98 -9.06
N ASN B 179 4.78 8.22 -9.94
CA ASN B 179 5.09 8.28 -11.36
C ASN B 179 4.40 9.51 -11.95
N ALA B 180 4.83 9.91 -13.14
CA ALA B 180 4.42 11.14 -13.81
C ALA B 180 2.91 11.43 -13.69
N LYS B 181 2.09 10.38 -13.90
CA LYS B 181 0.65 10.57 -13.98
C LYS B 181 0.09 10.80 -12.56
N VAL B 182 0.58 9.99 -11.63
CA VAL B 182 0.05 10.02 -10.28
C VAL B 182 0.58 11.26 -9.56
N LYS B 183 1.79 11.69 -9.85
CA LYS B 183 2.31 12.95 -9.33
C LYS B 183 1.46 14.17 -9.79
N ALA B 184 1.09 14.21 -11.08
CA ALA B 184 0.28 15.27 -11.66
C ALA B 184 -1.04 15.41 -10.88
N ILE B 185 -1.65 14.31 -10.53
CA ILE B 185 -2.85 14.36 -9.69
C ILE B 185 -2.52 14.93 -8.30
N TYR B 186 -1.39 14.52 -7.73
CA TYR B 186 -0.95 14.99 -6.41
C TYR B 186 -0.78 16.53 -6.41
N GLN B 187 -0.14 17.01 -7.49
CA GLN B 187 0.21 18.40 -7.69
C GLN B 187 -1.09 19.21 -7.79
N ASN B 188 -2.02 18.72 -8.63
CA ASN B 188 -3.31 19.34 -8.82
CA ASN B 188 -3.34 19.29 -8.83
C ASN B 188 -4.05 19.35 -7.48
N TRP B 189 -4.01 18.23 -6.73
CA TRP B 189 -4.61 18.27 -5.40
C TRP B 189 -4.05 19.42 -4.58
N LEU B 190 -2.71 19.56 -4.57
CA LEU B 190 -2.13 20.64 -3.76
C LEU B 190 -2.53 22.04 -4.27
N LYS B 191 -2.51 22.21 -5.63
CA LYS B 191 -2.88 23.49 -6.25
C LYS B 191 -4.29 23.90 -5.89
N GLY B 192 -5.25 22.99 -5.76
CA GLY B 192 -6.63 23.31 -5.40
C GLY B 192 -6.94 23.35 -3.88
N ASN B 193 -5.93 23.36 -3.00
CA ASN B 193 -6.21 23.50 -1.59
C ASN B 193 -7.00 24.79 -1.31
N THR B 194 -7.97 24.74 -0.38
CA THR B 194 -8.86 25.88 -0.16
C THR B 194 -8.51 26.63 1.13
N THR B 195 -7.57 26.10 1.90
CA THR B 195 -7.43 26.59 3.27
C THR B 195 -6.23 27.53 3.42
N GLY B 196 -5.49 27.78 2.34
CA GLY B 196 -4.17 28.38 2.56
C GLY B 196 -4.04 29.81 1.99
N ASP B 197 -5.14 30.51 1.69
CA ASP B 197 -5.06 31.81 1.00
C ASP B 197 -4.35 32.90 1.80
N ALA B 198 -4.32 32.83 3.15
CA ALA B 198 -3.71 33.90 3.95
C ALA B 198 -2.31 33.45 4.40
N ARG B 199 -1.80 32.29 3.94
CA ARG B 199 -0.48 31.88 4.39
C ARG B 199 0.56 32.04 3.28
N ILE B 200 1.24 30.92 2.88
CA ILE B 200 2.33 31.03 1.92
C ILE B 200 1.83 31.72 0.64
N ARG B 201 0.60 31.40 0.20
CA ARG B 201 0.00 31.95 -1.01
C ARG B 201 0.06 33.49 -0.98
N ALA B 202 -0.19 34.10 0.21
CA ALA B 202 -0.30 35.54 0.39
C ALA B 202 1.11 36.18 0.26
N SER B 203 2.16 35.36 0.32
CA SER B 203 3.50 35.88 0.26
C SER B 203 4.02 36.03 -1.17
N VAL B 204 3.23 35.64 -2.19
CA VAL B 204 3.75 35.49 -3.54
C VAL B 204 2.84 36.22 -4.52
N PRO B 205 3.41 36.61 -5.69
CA PRO B 205 2.65 37.34 -6.73
C PRO B 205 1.52 36.42 -7.17
N ALA B 206 0.32 36.97 -7.28
CA ALA B 206 -0.88 36.35 -7.86
C ALA B 206 -0.63 35.50 -9.10
N ASP B 207 0.36 35.77 -9.98
CA ASP B 207 0.35 34.96 -11.20
C ASP B 207 1.25 33.74 -11.10
N TRP B 208 1.85 33.53 -9.92
CA TRP B 208 2.57 32.29 -9.63
C TRP B 208 1.54 31.22 -9.23
N VAL B 209 1.94 29.95 -9.42
CA VAL B 209 1.10 28.83 -9.10
C VAL B 209 1.65 28.21 -7.81
N VAL B 210 0.71 27.97 -6.86
CA VAL B 210 1.00 27.49 -5.51
C VAL B 210 0.17 26.22 -5.25
N GLY B 211 0.84 25.11 -4.87
CA GLY B 211 0.23 24.04 -4.11
C GLY B 211 0.62 23.99 -2.62
N ASP B 212 -0.35 23.86 -1.70
CA ASP B 212 0.06 23.83 -0.30
C ASP B 212 -0.86 22.95 0.56
N LYS B 213 -0.37 22.72 1.80
CA LYS B 213 -1.17 22.13 2.87
C LYS B 213 -0.93 22.87 4.19
N THR B 214 -2.00 23.35 4.84
CA THR B 214 -1.92 24.05 6.13
C THR B 214 -2.20 23.10 7.30
N GLY B 215 -1.85 23.56 8.49
CA GLY B 215 -2.28 22.90 9.71
C GLY B 215 -2.62 23.99 10.71
N SER B 216 -3.68 23.76 11.49
CA SER B 216 -3.98 24.68 12.56
C SER B 216 -4.44 23.93 13.80
N CYS B 217 -3.55 23.83 14.79
CA CYS B 217 -3.75 23.00 15.96
C CYS B 217 -4.91 23.54 16.80
N GLY B 218 -5.05 24.85 16.87
CA GLY B 218 -6.08 25.47 17.72
C GLY B 218 -5.71 25.39 19.20
N ALA B 219 -4.39 25.38 19.54
CA ALA B 219 -3.94 25.71 20.88
C ALA B 219 -2.50 26.21 20.72
N TYR B 220 -2.04 27.12 21.60
CA TYR B 220 -0.64 27.45 21.62
C TYR B 220 -0.26 28.16 20.34
N GLY B 221 -1.29 28.85 19.77
CA GLY B 221 -1.13 29.59 18.52
C GLY B 221 -0.25 28.85 17.50
N THR B 222 -0.48 27.51 17.37
CA THR B 222 0.33 26.64 16.53
CA THR B 222 0.35 26.67 16.51
C THR B 222 -0.33 26.52 15.16
N ALA B 223 0.41 26.91 14.11
CA ALA B 223 -0.13 26.72 12.78
C ALA B 223 1.06 26.66 11.88
N ASN B 224 0.82 26.12 10.67
CA ASN B 224 1.90 25.92 9.74
C ASN B 224 1.36 25.85 8.32
N ASP B 225 2.29 25.74 7.33
CA ASP B 225 1.97 25.71 5.94
C ASP B 225 3.21 25.17 5.22
N TYR B 226 3.04 24.25 4.30
CA TYR B 226 4.09 23.94 3.36
C TYR B 226 3.56 24.04 1.91
N ALA B 227 4.46 24.42 0.96
CA ALA B 227 3.99 24.70 -0.40
C ALA B 227 5.06 24.28 -1.38
N VAL B 228 4.62 23.85 -2.57
CA VAL B 228 5.43 23.88 -3.77
C VAL B 228 5.01 25.12 -4.55
N ILE B 229 6.00 25.88 -5.04
CA ILE B 229 5.73 27.15 -5.71
C ILE B 229 6.35 27.10 -7.10
N TRP B 230 5.53 27.35 -8.12
CA TRP B 230 6.02 27.51 -9.48
C TRP B 230 6.02 28.99 -9.91
N PRO B 231 7.17 29.72 -9.83
CA PRO B 231 7.23 31.12 -10.31
C PRO B 231 7.18 31.08 -11.84
N LYS B 232 6.82 32.22 -12.44
CA LYS B 232 6.91 32.38 -13.89
C LYS B 232 8.36 32.22 -14.35
N ASN B 233 8.57 31.36 -15.38
CA ASN B 233 9.86 31.15 -16.07
C ASN B 233 11.06 30.73 -15.17
N ARG B 234 10.82 30.15 -13.97
CA ARG B 234 11.88 29.60 -13.15
C ARG B 234 11.46 28.24 -12.62
N ALA B 235 12.40 27.52 -12.01
CA ALA B 235 12.17 26.19 -11.46
C ALA B 235 11.42 26.36 -10.13
N PRO B 236 10.75 25.27 -9.68
CA PRO B 236 9.99 25.23 -8.42
C PRO B 236 10.82 25.63 -7.19
N LEU B 237 10.14 26.34 -6.24
CA LEU B 237 10.62 26.53 -4.88
C LEU B 237 9.83 25.57 -3.99
N ILE B 238 10.41 25.20 -2.83
CA ILE B 238 9.75 24.51 -1.77
C ILE B 238 9.90 25.39 -0.51
N VAL B 239 8.74 25.65 0.17
CA VAL B 239 8.75 26.49 1.36
C VAL B 239 7.95 25.77 2.44
N SER B 240 8.44 25.84 3.67
CA SER B 240 7.88 25.08 4.79
C SER B 240 8.01 25.95 6.05
N ILE B 241 6.91 26.38 6.68
CA ILE B 241 6.88 27.28 7.80
C ILE B 241 6.05 26.65 8.91
N TYR B 242 6.61 26.59 10.15
CA TYR B 242 5.99 26.04 11.35
C TYR B 242 6.03 27.07 12.46
N THR B 243 4.95 27.18 13.23
CA THR B 243 4.94 28.22 14.25
C THR B 243 4.32 27.64 15.52
N THR B 244 4.76 28.16 16.68
CA THR B 244 4.07 27.98 17.94
C THR B 244 4.19 29.26 18.79
N ARG B 245 3.30 29.37 19.77
CA ARG B 245 3.28 30.51 20.66
C ARG B 245 3.22 29.97 22.09
N LYS B 246 3.40 30.87 23.07
CA LYS B 246 3.70 30.51 24.46
C LYS B 246 2.46 30.04 25.21
N SER B 247 1.33 30.75 25.09
CA SER B 247 0.19 30.41 25.94
C SER B 247 -0.83 29.59 25.18
N LYS B 248 -1.45 28.65 25.92
CA LYS B 248 -2.51 27.79 25.43
C LYS B 248 -3.50 28.60 24.58
N ASP B 249 -3.81 29.82 25.01
CA ASP B 249 -4.94 30.62 24.52
C ASP B 249 -4.54 31.54 23.36
N ASP B 250 -3.25 31.62 23.03
CA ASP B 250 -2.79 32.44 21.92
C ASP B 250 -3.45 31.96 20.63
N LYS B 251 -3.92 32.90 19.80
CA LYS B 251 -4.32 32.64 18.43
C LYS B 251 -3.09 32.48 17.53
N HIS B 252 -3.29 31.68 16.48
CA HIS B 252 -2.25 31.49 15.49
C HIS B 252 -2.18 32.78 14.68
N SER B 253 -1.12 32.94 13.87
CA SER B 253 -0.99 34.16 13.10
C SER B 253 -0.68 33.84 11.65
N ASP B 254 -1.69 33.92 10.76
CA ASP B 254 -1.49 33.77 9.33
C ASP B 254 -0.49 34.79 8.74
N LYS B 255 -0.53 36.04 9.21
CA LYS B 255 0.37 37.08 8.71
C LYS B 255 1.83 36.81 9.07
N THR B 256 2.08 36.27 10.28
CA THR B 256 3.43 35.88 10.65
C THR B 256 3.96 34.81 9.70
N ILE B 257 3.11 33.82 9.37
CA ILE B 257 3.47 32.79 8.39
C ILE B 257 3.81 33.35 7.00
N ALA B 258 2.96 34.27 6.53
CA ALA B 258 3.08 34.86 5.21
C ALA B 258 4.35 35.74 5.15
N GLU B 259 4.59 36.42 6.27
CA GLU B 259 5.80 37.20 6.40
C GLU B 259 7.04 36.28 6.47
N ALA B 260 7.00 35.23 7.29
CA ALA B 260 8.15 34.33 7.31
C ALA B 260 8.37 33.77 5.89
N SER B 261 7.28 33.42 5.19
CA SER B 261 7.39 32.88 3.85
C SER B 261 8.07 33.88 2.92
N ARG B 262 7.64 35.14 2.99
CA ARG B 262 8.22 36.21 2.20
C ARG B 262 9.73 36.33 2.45
N ILE B 263 10.13 36.23 3.73
CA ILE B 263 11.53 36.41 4.07
C ILE B 263 12.31 35.24 3.49
N ALA B 264 11.71 34.02 3.54
CA ALA B 264 12.36 32.77 3.14
C ALA B 264 12.61 32.73 1.64
N ILE B 265 11.61 33.14 0.87
CA ILE B 265 11.73 33.30 -0.58
C ILE B 265 12.82 34.32 -0.94
N GLN B 266 12.97 35.41 -0.17
CA GLN B 266 13.98 36.38 -0.58
C GLN B 266 15.34 35.71 -0.37
N ALA B 267 15.47 35.04 0.77
CA ALA B 267 16.71 34.42 1.20
C ALA B 267 17.22 33.35 0.22
N ILE B 268 16.32 32.58 -0.46
CA ILE B 268 16.80 31.48 -1.28
C ILE B 268 17.07 31.98 -2.69
N ASP B 269 17.07 33.28 -2.80
CA ASP B 269 17.11 33.95 -4.08
C ASP B 269 18.43 34.72 -4.23
N1 A1L2O C . -1.91 -34.38 -8.71
N3 A1L2O C . -4.10 -36.02 -8.66
C4 A1L2O C . -4.11 -34.74 -8.17
C5 A1L2O C . -5.37 -36.41 -8.95
C6 A1L2O C . -2.96 -33.09 -6.66
C7 A1L2O C . -2.45 -31.08 -5.33
C8 A1L2O C . -1.17 -30.99 -4.52
C10 A1L2O C . 0.86 -30.02 -5.62
C13 A1L2O C . 4.12 -31.51 -5.46
C15 A1L2O C . 5.17 -31.86 -3.25
C17 A1L2O C . 8.30 -31.38 -5.27
C20 A1L2O C . 8.27 -31.61 -2.90
C21 A1L2O C . 11.81 -31.13 -4.08
C22 A1L2O C . 1.60 -28.71 -5.84
C1 A1L2O C . 1.32 -33.77 -10.13
C2 A1L2O C . 0.30 -34.55 -9.38
O1 A1L2O C . -0.60 -33.93 -8.43
C3 A1L2O C . -2.87 -34.06 -7.83
N2 A1L2O C . -5.31 -34.13 -8.09
S1 A1L2O C . -6.51 -35.19 -8.40
N4 A1L2O C . -5.62 -37.57 -9.55
P1 A1L2O C . -7.04 -38.07 -10.28
O2 A1L2O C . -6.61 -38.17 -11.75
O3 A1L2O C . -8.26 -37.13 -9.98
O4 A1L2O C . -7.43 -39.46 -9.82
O5 A1L2O C . -3.74 -33.49 -5.79
N5 A1L2O C . -2.29 -31.95 -6.48
N6 A1L2O C . -0.31 -29.89 -4.99
C9 A1L2O C . -2.90 -29.64 -5.70
O6 A1L2O C . -2.49 -29.19 -6.74
C11 A1L2O C . 1.38 -31.27 -6.04
C12 A1L2O C . 0.69 -32.59 -5.94
S2 A1L2O C . -0.39 -32.62 -4.52
S3 A1L2O C . 2.97 -31.42 -6.78
N7 A1L2O C . 5.45 -31.49 -5.55
C14 A1L2O C . 6.06 -31.68 -4.28
S4 A1L2O C . 3.52 -31.74 -3.83
C16 A1L2O C . 7.56 -31.58 -4.11
C18 A1L2O C . 9.67 -31.24 -5.25
N8 A1L2O C . 10.33 -31.29 -4.08
C19 A1L2O C . 9.64 -31.47 -2.91
O7 A1L2O C . 2.23 -28.57 -6.96
O8 A1L2O C . 1.52 -27.89 -4.88
C1 PEG D . 15.51 -19.73 -14.88
O1 PEG D . 15.20 -19.87 -16.26
C2 PEG D . 16.97 -19.46 -14.67
O2 PEG D . 17.18 -19.05 -13.33
C3 PEG D . 17.47 -17.66 -13.20
C4 PEG D . 18.60 -17.46 -12.25
O4 PEG D . 18.44 -16.30 -11.46
CL CL E . 3.26 -26.96 -17.26
CL CL F . 8.09 -22.56 8.12
CL CL G . 14.22 -22.55 -31.32
CL CL H . -17.43 -17.57 -15.26
CL CL I . -11.38 -21.31 -20.62
CL CL J . -2.46 -9.76 -20.62
CL CL K . 10.13 -29.12 -16.36
P PO4 L . -10.60 -16.56 20.13
O1 PO4 L . -9.61 -17.36 20.99
O2 PO4 L . -11.08 -15.32 20.92
O3 PO4 L . -9.86 -16.07 18.86
O4 PO4 L . -11.80 -17.47 19.74
P PO4 M . -19.80 -29.38 -10.18
O1 PO4 M . -20.93 -29.96 -9.34
O2 PO4 M . -20.35 -28.98 -11.56
O3 PO4 M . -19.28 -28.14 -9.45
O4 PO4 M . -18.70 -30.44 -10.36
N1 A1L2O N . -8.35 22.93 14.46
N3 A1L2O N . -9.34 21.91 17.18
C4 A1L2O N . -8.88 21.21 16.13
C5 A1L2O N . -9.37 21.07 18.24
C6 A1L2O N . -8.57 20.77 13.72
C7 A1L2O N . -7.00 21.23 11.68
C8 A1L2O N . -7.84 21.19 10.39
C10 A1L2O N . -7.02 23.29 9.52
C13 A1L2O N . -9.16 26.00 8.57
C15 A1L2O N . -10.70 25.54 6.73
C17 A1L2O N . -11.39 27.88 4.66
C20 A1L2O N . -10.18 29.25 6.18
C21 A1L2O N . -11.33 31.37 3.33
C22 A1L2O N . -5.98 23.81 8.57
C1 A1L2O N . -7.59 26.01 14.64
C2 A1L2O N . -8.79 25.17 14.59
O1 A1L2O N . -8.73 23.93 15.35
C3 A1L2O N . -8.59 21.75 14.86
N2 A1L2O N . -8.69 19.89 16.33
S1 A1L2O N . -8.72 19.50 17.89
N4 A1L2O N . -9.84 21.40 19.44
P1 A1L2O N . -9.74 20.52 20.92
O2 A1L2O N . -9.09 21.44 21.98
O3 A1L2O N . -11.27 20.36 21.23
O4 A1L2O N . -9.02 19.07 20.82
O5 A1L2O N . -9.51 20.00 13.60
N5 A1L2O N . -7.82 20.60 12.68
N6 A1L2O N . -6.94 21.93 9.53
C9 A1L2O N . -5.59 20.64 11.48
O6 A1L2O N . -4.69 21.42 11.68
C11 A1L2O N . -7.90 24.16 10.20
C12 A1L2O N . -8.96 23.77 11.16
S2 A1L2O N . -9.45 22.07 10.73
S3 A1L2O N . -8.00 25.91 9.89
N7 A1L2O N . -9.57 27.09 7.92
C14 A1L2O N . -10.35 26.85 6.83
S4 A1L2O N . -9.93 24.56 8.00
C16 A1L2O N . -10.68 27.98 5.86
C18 A1L2O N . -11.60 28.98 3.85
N8 A1L2O N . -11.11 30.18 4.20
C19 A1L2O N . -10.40 30.33 5.36
O7 A1L2O N . -5.74 23.05 7.61
O8 A1L2O N . -5.52 24.93 8.88
C1 PEG O . -11.70 27.78 21.08
O1 PEG O . -12.18 26.45 21.12
C2 PEG O . -10.30 27.94 21.67
O2 PEG O . -10.32 28.76 22.84
C3 PEG O . -9.05 28.88 23.48
C4 PEG O . -9.13 29.98 24.51
O4 PEG O . -8.61 31.23 24.06
C1 PEG P . -3.45 11.35 26.66
O1 PEG P . -3.21 10.01 27.10
C2 PEG P . -2.66 12.38 27.43
O2 PEG P . -2.28 13.47 26.58
C3 PEG P . -1.63 14.53 27.29
C4 PEG P . -2.22 15.83 26.86
O4 PEG P . -1.70 16.29 25.61
O1 PG4 Q . 0.60 8.16 23.74
C1 PG4 Q . 0.27 8.05 22.39
C2 PG4 Q . -1.15 8.31 22.33
O2 PG4 Q . -1.44 9.21 23.40
C3 PG4 Q . -2.78 9.08 23.92
C4 PG4 Q . -3.65 10.29 23.57
O3 PG4 Q . -4.87 9.89 22.92
C5 PG4 Q . -5.09 10.43 21.61
C6 PG4 Q . -5.21 9.33 20.54
O4 PG4 Q . -5.98 9.70 19.40
C7 PG4 Q . -7.39 9.70 19.68
C8 PG4 Q . -8.21 10.37 18.58
O5 PG4 Q . -8.13 11.81 18.55
C1 PEG R . -2.42 38.01 12.04
O1 PEG R . -1.53 37.79 13.22
C2 PEG R . -3.03 36.79 11.36
O2 PEG R . -4.06 36.18 12.16
C3 PEG R . -4.31 34.80 11.86
C4 PEG R . -5.72 34.59 11.88
O4 PEG R . -6.12 34.09 13.14
C1 PEG S . 16.97 32.94 18.74
O1 PEG S . 16.71 32.28 19.96
C2 PEG S . 18.03 32.24 17.92
O2 PEG S . 18.07 32.84 16.62
C3 PEG S . 19.29 32.71 15.90
C4 PEG S . 19.77 34.05 15.28
O4 PEG S . 20.81 33.88 14.34
C1 PEG T . 3.65 40.76 16.91
O1 PEG T . 2.52 40.97 17.73
C2 PEG T . 3.26 40.10 15.59
O2 PEG T . 4.41 40.01 14.76
C3 PEG T . 4.50 41.07 13.79
C4 PEG T . 5.86 41.18 13.13
O4 PEG T . 6.53 42.37 13.54
I IOD U . 18.38 29.26 14.39
CL CL V . 18.23 26.03 10.64
CL CL W . -1.59 31.97 -5.09
CL CL X . 9.45 47.30 15.52
CL CL Y . -15.32 15.20 17.08
CL CL Z . 20.45 28.93 6.28
CL CL AA . 11.72 11.57 18.29
CL CL BA . -12.50 22.69 21.59
CL CL CA . -5.66 17.31 12.29
CL CL DA . -7.01 3.57 -10.46
NA NA EA . 10.40 44.57 15.30
P PO4 FA . -14.91 17.19 -3.47
O1 PO4 FA . -14.29 15.77 -3.50
O2 PO4 FA . -15.93 17.28 -2.33
O3 PO4 FA . -13.77 18.21 -3.19
O4 PO4 FA . -15.67 17.46 -4.83
P PO4 GA . 10.24 20.03 21.04
O1 PO4 GA . 10.09 19.45 22.47
O2 PO4 GA . 8.82 19.97 20.31
O3 PO4 GA . 10.73 21.50 21.10
O4 PO4 GA . 11.34 19.17 20.29
P PO4 HA . -17.37 22.95 1.44
O1 PO4 HA . -16.25 22.63 2.48
O2 PO4 HA . -18.69 22.32 1.90
O3 PO4 HA . -17.55 24.47 1.31
O4 PO4 HA . -17.01 22.38 0.07
#